data_7XRY
#
_entry.id   7XRY
#
_cell.length_a   80.016
_cell.length_b   93.800
_cell.length_c   102.156
_cell.angle_alpha   90.000
_cell.angle_beta   90.000
_cell.angle_gamma   90.000
#
_symmetry.space_group_name_H-M   'P 21 21 21'
#
loop_
_entity.id
_entity.type
_entity.pdbx_description
1 polymer ORF1a
2 non-polymer N-[(2S)-1-[[(2S)-1-(1,3-benzothiazol-2-yl)-1-oxidanylidene-3-[(3S)-2-oxidanylidenepyrrolidin-3-yl]propan-2-yl]amino]-4-methyl-1-oxidanylidene-pentan-2-yl]-4-methoxy-1H-indole-2-carboxamide
3 water water
#
_entity_poly.entity_id   1
_entity_poly.type   'polypeptide(L)'
_entity_poly.pdbx_seq_one_letter_code
;SGLVKMSHPSGDVEACMVQVTCGSMTLNGLWLDNTVWCPRHVMCPADQLSDPNYDALLISMTNHSFSVQKHIGAPANLRV
VGHAMQGTLLKLTVDVANPSTPAYTFTTVKPGAAFSVLACYNGRPTGTFTVVMRPNYTIKGSFLCGSCGSVGYTKEGSVI
NFCYMHQMELANGTHTGSAFDGTMYGAFMDKQVHQVQLTDKYCSVNVVAWLYAAILNGCAWFVKPNRTSVVSFNEWALAN
QFTEFVGTQSVDMLAVKTGVAIEQLLYAIQQLYTGFQGKQILGSTMLEDEFTPEDVNMQIM
;
_entity_poly.pdbx_strand_id   A,B
#
# COMPACT_ATOMS: atom_id res chain seq x y z
N LEU A 3 -10.32 -0.06 7.25
CA LEU A 3 -8.91 -0.36 7.52
C LEU A 3 -8.22 -0.84 6.24
N VAL A 4 -7.26 -0.06 5.74
CA VAL A 4 -6.45 -0.47 4.58
C VAL A 4 -4.99 -0.32 4.94
N LYS A 5 -4.15 -1.03 4.18
CA LYS A 5 -2.70 -0.86 4.29
C LYS A 5 -2.32 0.46 3.63
N MET A 6 -1.93 1.44 4.44
CA MET A 6 -1.74 2.80 3.98
C MET A 6 -0.29 3.20 4.13
N SER A 7 0.36 3.47 3.01
CA SER A 7 1.73 3.96 3.10
C SER A 7 1.76 5.45 2.84
N HIS A 8 2.89 6.06 3.20
CA HIS A 8 3.12 7.47 2.92
C HIS A 8 3.21 7.70 1.41
N PRO A 9 2.94 8.92 0.97
CA PRO A 9 3.27 9.28 -0.42
C PRO A 9 4.77 9.19 -0.61
N SER A 10 5.20 8.59 -1.73
CA SER A 10 6.60 8.24 -1.96
C SER A 10 7.39 9.31 -2.72
N GLY A 11 6.76 10.41 -3.13
CA GLY A 11 7.41 11.35 -4.04
C GLY A 11 8.76 11.84 -3.55
N ASP A 12 8.81 12.31 -2.30
CA ASP A 12 10.06 12.84 -1.75
C ASP A 12 11.18 11.78 -1.75
N VAL A 13 10.83 10.52 -1.53
CA VAL A 13 11.84 9.46 -1.54
C VAL A 13 12.22 9.06 -2.97
N GLU A 14 11.26 9.11 -3.90
CA GLU A 14 11.55 8.81 -5.30
C GLU A 14 12.70 9.66 -5.83
N ALA A 15 12.70 10.96 -5.49
CA ALA A 15 13.70 11.88 -5.99
C ALA A 15 15.11 11.60 -5.44
N CYS A 16 15.24 10.61 -4.57
CA CYS A 16 16.53 10.24 -3.99
C CYS A 16 17.05 8.89 -4.49
N MET A 17 16.30 8.16 -5.31
CA MET A 17 16.74 6.83 -5.71
C MET A 17 17.72 6.91 -6.87
N VAL A 18 18.76 6.06 -6.83
CA VAL A 18 19.76 5.98 -7.88
C VAL A 18 20.15 4.53 -8.08
N GLN A 19 20.81 4.26 -9.20
CA GLN A 19 21.40 2.97 -9.48
C GLN A 19 22.89 3.02 -9.20
N VAL A 20 23.39 1.98 -8.53
CA VAL A 20 24.82 1.88 -8.22
C VAL A 20 25.37 0.65 -8.92
N THR A 21 26.52 0.81 -9.54
CA THR A 21 27.18 -0.28 -10.27
C THR A 21 28.61 -0.43 -9.77
N CYS A 22 29.00 -1.69 -9.57
CA CYS A 22 30.37 -2.04 -9.21
C CYS A 22 30.72 -3.28 -10.02
N GLY A 23 31.61 -3.12 -10.99
CA GLY A 23 31.88 -4.22 -11.91
C GLY A 23 30.65 -4.52 -12.72
N SER A 24 30.32 -5.80 -12.83
CA SER A 24 29.13 -6.25 -13.54
C SER A 24 27.90 -6.38 -12.63
N MET A 25 27.96 -5.87 -11.41
CA MET A 25 26.87 -5.98 -10.45
C MET A 25 26.18 -4.63 -10.28
N THR A 26 24.89 -4.66 -10.16
CA THR A 26 24.12 -3.48 -9.93
C THR A 26 22.96 -3.65 -8.96
N LEU A 27 22.58 -2.56 -8.35
CA LEU A 27 21.47 -2.47 -7.43
C LEU A 27 21.09 -0.99 -7.17
N ASN A 28 20.15 -0.78 -6.29
CA ASN A 28 19.69 0.51 -5.92
C ASN A 28 20.49 1.21 -4.81
N GLY A 29 20.55 2.52 -4.84
CA GLY A 29 21.16 3.28 -3.77
C GLY A 29 20.30 4.49 -3.44
N LEU A 30 20.63 5.13 -2.33
CA LEU A 30 19.88 6.29 -1.84
C LEU A 30 20.81 7.49 -1.71
N TRP A 31 20.52 8.53 -2.44
CA TRP A 31 21.32 9.73 -2.51
C TRP A 31 20.78 10.86 -1.69
N LEU A 32 21.50 11.19 -0.66
CA LEU A 32 21.19 12.27 0.25
C LEU A 32 22.43 13.13 0.41
N ASP A 33 22.27 14.42 0.24
CA ASP A 33 23.39 15.36 0.32
C ASP A 33 24.46 14.86 -0.64
N ASN A 34 25.67 14.67 -0.19
CA ASN A 34 26.77 14.16 -0.97
C ASN A 34 27.06 12.67 -0.76
N THR A 35 26.10 11.91 -0.26
CA THR A 35 26.32 10.52 0.08
C THR A 35 25.37 9.62 -0.68
N VAL A 36 25.89 8.51 -1.18
CA VAL A 36 25.04 7.46 -1.75
C VAL A 36 25.21 6.21 -0.89
N TRP A 37 24.09 5.75 -0.29
CA TRP A 37 24.05 4.54 0.51
C TRP A 37 23.60 3.37 -0.35
N CYS A 38 24.21 2.21 -0.16
CA CYS A 38 23.78 1.03 -0.90
C CYS A 38 24.29 -0.22 -0.19
N PRO A 39 23.72 -1.39 -0.48
CA PRO A 39 24.25 -2.63 0.09
C PRO A 39 25.68 -2.90 -0.36
N ARG A 40 26.51 -3.35 0.58
CA ARG A 40 27.90 -3.59 0.23
C ARG A 40 28.06 -4.84 -0.62
N HIS A 41 27.04 -5.71 -0.68
CA HIS A 41 27.33 -6.83 -1.54
C HIS A 41 27.32 -6.46 -3.05
N VAL A 42 27.19 -5.18 -3.47
CA VAL A 42 27.57 -4.78 -4.84
C VAL A 42 28.98 -5.21 -5.17
N MET A 43 29.89 -5.07 -4.19
CA MET A 43 31.31 -5.29 -4.39
C MET A 43 31.65 -6.74 -4.67
N CYS A 44 30.70 -7.64 -4.52
CA CYS A 44 31.03 -9.02 -4.31
C CYS A 44 31.02 -9.77 -5.64
N PRO A 45 32.15 -10.30 -6.08
CA PRO A 45 32.12 -11.16 -7.27
C PRO A 45 31.20 -12.35 -7.04
N ALA A 46 30.60 -12.82 -8.14
CA ALA A 46 29.66 -13.94 -8.05
C ALA A 46 30.31 -15.15 -7.37
N ASP A 47 31.60 -15.37 -7.62
CA ASP A 47 32.36 -16.48 -7.04
C ASP A 47 32.54 -16.35 -5.52
N GLN A 48 32.24 -15.18 -4.95
CA GLN A 48 32.48 -14.93 -3.53
C GLN A 48 31.19 -14.68 -2.74
N LEU A 49 30.04 -14.75 -3.37
CA LEU A 49 28.79 -14.46 -2.71
C LEU A 49 28.44 -15.31 -1.50
N SER A 50 28.73 -16.58 -1.55
CA SER A 50 28.46 -17.45 -0.44
C SER A 50 29.41 -17.28 0.74
N ASP A 51 30.62 -16.86 0.50
CA ASP A 51 31.57 -16.66 1.57
C ASP A 51 32.46 -15.44 1.37
N PRO A 52 31.81 -14.24 1.41
CA PRO A 52 32.66 -13.06 1.15
C PRO A 52 33.52 -12.51 2.25
N ASN A 53 34.66 -11.96 1.86
CA ASN A 53 35.52 -11.23 2.77
C ASN A 53 35.38 -9.75 2.43
N TYR A 54 34.51 -9.05 3.17
CA TYR A 54 34.21 -7.68 2.79
C TYR A 54 35.36 -6.73 3.07
N ASP A 55 36.19 -7.01 4.08
CA ASP A 55 37.35 -6.15 4.28
C ASP A 55 38.30 -6.24 3.11
N ALA A 56 38.65 -7.46 2.70
CA ALA A 56 39.52 -7.64 1.54
C ALA A 56 38.89 -7.01 0.30
N LEU A 57 37.57 -7.21 0.10
CA LEU A 57 36.92 -6.65 -1.08
C LEU A 57 37.00 -5.12 -1.07
N LEU A 58 36.66 -4.50 0.05
CA LEU A 58 36.72 -3.03 0.12
C LEU A 58 38.12 -2.53 -0.16
N ILE A 59 39.14 -3.21 0.40
CA ILE A 59 40.52 -2.78 0.18
C ILE A 59 40.83 -2.75 -1.30
N SER A 60 40.40 -3.76 -2.04
CA SER A 60 40.63 -3.82 -3.48
C SER A 60 39.80 -2.82 -4.28
N MET A 61 38.91 -2.04 -3.67
CA MET A 61 38.14 -1.04 -4.41
C MET A 61 38.86 0.32 -4.40
N THR A 62 38.74 1.03 -5.51
CA THR A 62 38.99 2.47 -5.56
C THR A 62 37.67 3.18 -5.84
N ASN A 63 37.67 4.52 -5.74
CA ASN A 63 36.50 5.31 -6.07
C ASN A 63 35.96 4.93 -7.45
N HIS A 64 36.88 4.62 -8.34
CA HIS A 64 36.60 4.31 -9.74
C HIS A 64 35.91 2.97 -9.94
N SER A 65 35.93 2.08 -8.94
CA SER A 65 35.19 0.84 -9.06
C SER A 65 33.68 1.08 -9.07
N PHE A 66 33.23 2.23 -8.58
CA PHE A 66 31.82 2.50 -8.34
C PHE A 66 31.28 3.53 -9.32
N SER A 67 30.12 3.22 -9.89
CA SER A 67 29.41 4.11 -10.78
C SER A 67 27.99 4.31 -10.28
N VAL A 68 27.50 5.55 -10.33
CA VAL A 68 26.19 5.94 -9.82
C VAL A 68 25.44 6.67 -10.92
N GLN A 69 24.24 6.18 -11.25
CA GLN A 69 23.38 6.83 -12.24
C GLN A 69 22.01 7.14 -11.64
N LYS A 70 21.52 8.35 -11.92
CA LYS A 70 20.16 8.74 -11.60
C LYS A 70 19.31 8.66 -12.86
N HIS A 71 18.22 7.90 -12.79
CA HIS A 71 17.36 7.75 -13.95
C HIS A 71 16.06 8.53 -13.84
N ILE A 72 15.66 8.93 -12.62
CA ILE A 72 14.40 9.65 -12.37
C ILE A 72 14.71 11.12 -12.17
N GLY A 73 13.74 11.97 -12.50
CA GLY A 73 13.97 13.40 -12.49
C GLY A 73 14.83 13.81 -13.68
N ALA A 74 15.57 14.90 -13.51
CA ALA A 74 16.56 15.32 -14.49
C ALA A 74 17.77 14.40 -14.39
N PRO A 75 17.86 13.38 -15.24
CA PRO A 75 18.87 12.33 -15.02
C PRO A 75 20.28 12.90 -15.06
N ALA A 76 21.18 12.26 -14.34
CA ALA A 76 22.53 12.80 -14.20
C ALA A 76 23.51 11.68 -13.94
N ASN A 77 24.74 11.90 -14.38
CA ASN A 77 25.86 11.12 -13.89
C ASN A 77 26.48 11.85 -12.70
N LEU A 78 26.86 11.08 -11.69
CA LEU A 78 27.55 11.59 -10.52
C LEU A 78 28.94 10.96 -10.48
N ARG A 79 29.89 11.65 -9.85
CA ARG A 79 31.25 11.15 -9.72
C ARG A 79 31.49 10.68 -8.30
N VAL A 80 31.95 9.44 -8.15
CA VAL A 80 32.31 8.90 -6.84
C VAL A 80 33.68 9.43 -6.44
N VAL A 81 33.73 10.18 -5.34
CA VAL A 81 34.95 10.82 -4.88
C VAL A 81 35.41 10.26 -3.53
N GLY A 82 34.77 9.21 -3.04
CA GLY A 82 35.12 8.62 -1.77
C GLY A 82 34.30 7.38 -1.53
N HIS A 83 34.83 6.41 -0.81
CA HIS A 83 34.06 5.22 -0.47
C HIS A 83 34.41 4.80 0.95
N ALA A 84 33.44 4.17 1.61
CA ALA A 84 33.58 3.71 2.98
C ALA A 84 32.52 2.65 3.23
N MET A 85 32.81 1.78 4.18
CA MET A 85 31.89 0.71 4.56
C MET A 85 31.41 0.97 5.97
N GLN A 86 30.11 0.82 6.19
CA GLN A 86 29.51 1.00 7.51
C GLN A 86 28.58 -0.19 7.76
N GLY A 87 29.01 -1.11 8.61
CA GLY A 87 28.30 -2.37 8.78
C GLY A 87 28.12 -3.05 7.43
N THR A 88 26.87 -3.30 7.07
CA THR A 88 26.53 -3.99 5.83
C THR A 88 26.28 -3.05 4.66
N LEU A 89 26.49 -1.73 4.83
CA LEU A 89 26.21 -0.72 3.82
C LEU A 89 27.51 -0.10 3.29
N LEU A 90 27.45 0.38 2.06
CA LEU A 90 28.50 1.22 1.51
C LEU A 90 28.07 2.68 1.60
N LYS A 91 28.97 3.53 2.06
CA LYS A 91 28.79 4.96 2.07
C LYS A 91 29.72 5.51 1.00
N LEU A 92 29.18 5.73 -0.20
CA LEU A 92 29.93 6.42 -1.23
C LEU A 92 29.76 7.93 -1.02
N THR A 93 30.82 8.67 -1.29
CA THR A 93 30.73 10.13 -1.37
C THR A 93 30.73 10.52 -2.84
N VAL A 94 29.83 11.42 -3.21
CA VAL A 94 29.74 11.89 -4.59
C VAL A 94 30.03 13.38 -4.64
N ASP A 95 30.27 13.88 -5.86
CA ASP A 95 30.70 15.26 -6.05
C ASP A 95 29.54 16.26 -6.09
N VAL A 96 28.31 15.81 -6.32
CA VAL A 96 27.14 16.69 -6.33
C VAL A 96 26.26 16.35 -5.14
N ALA A 97 25.73 17.37 -4.48
CA ALA A 97 24.73 17.16 -3.45
C ALA A 97 23.35 17.04 -4.09
N ASN A 98 22.53 16.13 -3.55
CA ASN A 98 21.17 16.00 -4.07
C ASN A 98 20.39 17.27 -3.77
N PRO A 99 19.97 18.05 -4.78
CA PRO A 99 19.20 19.27 -4.48
C PRO A 99 17.81 19.00 -3.96
N SER A 100 17.29 17.77 -4.12
CA SER A 100 15.99 17.38 -3.60
C SER A 100 16.11 16.58 -2.30
N THR A 101 17.20 16.74 -1.57
CA THR A 101 17.37 16.04 -0.31
C THR A 101 16.34 16.52 0.70
N PRO A 102 15.45 15.65 1.18
CA PRO A 102 14.49 16.07 2.20
C PRO A 102 15.16 16.22 3.55
N ALA A 103 14.44 16.85 4.47
CA ALA A 103 14.81 16.72 5.87
C ALA A 103 14.65 15.26 6.27
N TYR A 104 15.66 14.70 6.92
CA TYR A 104 15.64 13.28 7.21
C TYR A 104 16.41 13.00 8.49
N THR A 105 16.11 11.84 9.07
CA THR A 105 16.88 11.23 10.14
C THR A 105 17.08 9.76 9.77
N PHE A 106 17.85 9.07 10.62
CA PHE A 106 18.02 7.62 10.50
C PHE A 106 17.53 7.01 11.80
N THR A 107 16.46 6.23 11.73
CA THR A 107 15.89 5.55 12.88
C THR A 107 15.95 4.04 12.67
N THR A 108 15.93 3.31 13.77
CA THR A 108 15.74 1.86 13.74
C THR A 108 14.30 1.58 14.13
N VAL A 109 13.55 0.85 13.24
CA VAL A 109 12.17 0.48 13.58
C VAL A 109 12.19 -0.65 14.59
N LYS A 110 11.17 -0.66 15.45
CA LYS A 110 10.96 -1.72 16.41
C LYS A 110 9.89 -2.69 15.91
N PRO A 111 9.95 -3.96 16.33
CA PRO A 111 8.92 -4.92 15.95
C PRO A 111 7.53 -4.40 16.25
N GLY A 112 6.59 -4.64 15.34
CA GLY A 112 5.26 -4.11 15.47
C GLY A 112 5.05 -2.75 14.82
N ALA A 113 6.10 -1.97 14.61
CA ALA A 113 5.94 -0.66 14.02
C ALA A 113 5.88 -0.77 12.50
N ALA A 114 5.06 0.07 11.88
CA ALA A 114 4.85 0.05 10.43
C ALA A 114 5.78 1.04 9.74
N PHE A 115 6.22 0.69 8.53
CA PHE A 115 6.94 1.63 7.71
C PHE A 115 6.60 1.39 6.24
N SER A 116 6.84 2.42 5.43
CA SER A 116 6.57 2.38 4.00
C SER A 116 7.83 1.99 3.26
N VAL A 117 7.67 1.15 2.23
CA VAL A 117 8.79 0.67 1.43
C VAL A 117 8.61 1.20 0.02
N LEU A 118 9.69 1.67 -0.58
CA LEU A 118 9.70 2.05 -1.99
C LEU A 118 10.52 1.00 -2.74
N ALA A 119 9.85 0.08 -3.42
CA ALA A 119 10.55 -0.95 -4.16
C ALA A 119 11.07 -0.36 -5.47
N CYS A 120 12.33 -0.63 -5.77
CA CYS A 120 13.01 -0.10 -6.95
C CYS A 120 13.81 -1.20 -7.60
N TYR A 121 14.08 -1.04 -8.90
CA TYR A 121 14.89 -1.95 -9.68
C TYR A 121 15.69 -1.12 -10.67
N ASN A 122 17.00 -1.32 -10.71
CA ASN A 122 17.89 -0.55 -11.59
C ASN A 122 17.73 0.96 -11.37
N GLY A 123 17.49 1.36 -10.12
CA GLY A 123 17.35 2.76 -9.77
C GLY A 123 16.01 3.38 -10.11
N ARG A 124 15.00 2.60 -10.48
CA ARG A 124 13.69 3.12 -10.87
C ARG A 124 12.62 2.65 -9.90
N PRO A 125 11.94 3.55 -9.20
CA PRO A 125 10.84 3.14 -8.31
C PRO A 125 9.74 2.42 -9.08
N THR A 126 9.33 1.25 -8.59
CA THR A 126 8.28 0.50 -9.26
C THR A 126 7.02 0.28 -8.43
N GLY A 127 7.12 0.34 -7.11
CA GLY A 127 5.94 0.07 -6.30
C GLY A 127 6.17 0.55 -4.89
N THR A 128 5.07 0.74 -4.17
CA THR A 128 5.18 1.12 -2.78
C THR A 128 4.14 0.35 -1.97
N PHE A 129 4.52 -0.01 -0.74
CA PHE A 129 3.67 -0.79 0.15
C PHE A 129 4.11 -0.52 1.58
N THR A 130 3.34 -1.01 2.53
CA THR A 130 3.73 -0.84 3.92
C THR A 130 3.77 -2.20 4.59
N VAL A 131 4.72 -2.36 5.52
CA VAL A 131 4.82 -3.55 6.34
C VAL A 131 5.06 -3.13 7.79
N VAL A 132 4.83 -4.07 8.70
CA VAL A 132 5.31 -3.95 10.07
C VAL A 132 6.53 -4.83 10.23
N MET A 133 7.51 -4.35 11.00
CA MET A 133 8.66 -5.16 11.36
C MET A 133 8.21 -6.31 12.26
N ARG A 134 8.55 -7.55 11.86
CA ARG A 134 8.06 -8.68 12.63
C ARG A 134 8.89 -8.85 13.90
N PRO A 135 8.31 -9.47 14.93
CA PRO A 135 9.07 -9.71 16.15
C PRO A 135 10.34 -10.51 15.91
N ASN A 136 10.39 -11.36 14.90
CA ASN A 136 11.66 -12.00 14.56
C ASN A 136 12.52 -11.17 13.59
N TYR A 137 12.19 -9.89 13.39
CA TYR A 137 13.00 -8.95 12.60
C TYR A 137 13.13 -9.35 11.14
N THR A 138 12.06 -9.91 10.60
CA THR A 138 11.84 -10.01 9.17
C THR A 138 10.62 -9.18 8.80
N ILE A 139 10.41 -8.97 7.50
CA ILE A 139 9.21 -8.31 7.02
C ILE A 139 8.59 -9.17 5.94
N LYS A 140 7.29 -9.11 5.84
CA LYS A 140 6.53 -9.81 4.88
C LYS A 140 6.36 -8.95 3.61
N GLY A 141 7.45 -8.76 2.92
CA GLY A 141 7.48 -7.98 1.71
C GLY A 141 7.19 -8.65 0.39
N SER A 142 7.40 -7.89 -0.68
CA SER A 142 7.27 -8.30 -2.06
C SER A 142 8.50 -7.72 -2.80
N PHE A 143 9.54 -8.54 -2.91
CA PHE A 143 10.81 -8.20 -3.50
C PHE A 143 11.36 -9.31 -4.40
N LEU A 144 12.01 -8.91 -5.47
CA LEU A 144 12.62 -9.75 -6.46
C LEU A 144 14.05 -9.40 -6.67
N CYS A 145 14.78 -10.24 -7.36
CA CYS A 145 16.18 -9.97 -7.63
C CYS A 145 16.34 -8.58 -8.23
N GLY A 146 17.27 -7.80 -7.67
CA GLY A 146 17.46 -6.44 -8.13
C GLY A 146 16.75 -5.41 -7.28
N SER A 147 15.88 -5.82 -6.36
CA SER A 147 15.29 -4.86 -5.44
C SER A 147 16.25 -4.42 -4.35
N CYS A 148 17.38 -5.11 -4.16
CA CYS A 148 18.30 -4.74 -3.07
C CYS A 148 18.65 -3.26 -3.16
N GLY A 149 18.72 -2.61 -1.99
CA GLY A 149 18.88 -1.17 -1.91
C GLY A 149 17.58 -0.40 -1.90
N SER A 150 16.45 -1.04 -2.15
CA SER A 150 15.17 -0.38 -1.95
C SER A 150 15.04 0.02 -0.49
N VAL A 151 14.22 1.04 -0.24
CA VAL A 151 14.34 1.82 0.99
C VAL A 151 13.01 1.81 1.74
N GLY A 152 13.08 1.68 3.07
CA GLY A 152 11.91 1.78 3.93
C GLY A 152 12.02 3.01 4.80
N TYR A 153 10.87 3.58 5.17
CA TYR A 153 10.90 4.88 5.85
C TYR A 153 9.55 5.16 6.51
N THR A 154 9.61 6.03 7.51
CA THR A 154 8.44 6.66 8.09
C THR A 154 8.60 8.17 7.91
N LYS A 155 7.56 8.93 8.27
CA LYS A 155 7.64 10.39 8.15
C LYS A 155 6.88 11.02 9.31
N GLU A 156 7.53 11.91 10.05
CA GLU A 156 6.89 12.69 11.11
C GLU A 156 6.82 14.12 10.61
N GLY A 157 5.61 14.59 10.32
CA GLY A 157 5.48 15.86 9.64
C GLY A 157 6.11 15.82 8.25
N SER A 158 7.21 16.55 8.08
CA SER A 158 7.90 16.59 6.79
C SER A 158 9.29 15.99 6.84
N VAL A 159 9.72 15.52 8.01
CA VAL A 159 11.00 14.84 8.14
C VAL A 159 10.80 13.37 7.82
N ILE A 160 11.65 12.83 6.96
CA ILE A 160 11.58 11.42 6.60
C ILE A 160 12.56 10.64 7.47
N ASN A 161 12.08 9.58 8.11
CA ASN A 161 12.93 8.74 8.93
C ASN A 161 13.22 7.45 8.16
N PHE A 162 14.43 7.36 7.63
CA PHE A 162 14.84 6.20 6.85
C PHE A 162 15.24 5.09 7.81
N CYS A 163 14.60 3.92 7.70
CA CYS A 163 14.80 2.87 8.68
C CYS A 163 15.21 1.52 8.10
N TYR A 164 15.16 1.34 6.79
CA TYR A 164 15.34 0.02 6.19
C TYR A 164 15.97 0.17 4.82
N MET A 165 16.97 -0.66 4.52
CA MET A 165 17.51 -0.81 3.17
C MET A 165 17.58 -2.30 2.88
N HIS A 166 16.89 -2.71 1.83
CA HIS A 166 16.59 -4.13 1.60
C HIS A 166 17.82 -4.88 1.14
N GLN A 167 17.95 -6.14 1.60
CA GLN A 167 19.12 -6.93 1.24
C GLN A 167 18.85 -8.40 0.90
N MET A 168 17.82 -9.06 1.47
CA MET A 168 17.71 -10.49 1.19
C MET A 168 16.30 -11.04 1.45
N GLU A 169 16.00 -12.14 0.75
CA GLU A 169 14.79 -12.92 0.96
C GLU A 169 15.23 -14.24 1.54
N LEU A 170 14.74 -14.54 2.74
CA LEU A 170 15.12 -15.78 3.41
C LEU A 170 14.44 -16.97 2.74
N ALA A 171 14.85 -18.17 3.17
CA ALA A 171 14.26 -19.40 2.62
C ALA A 171 12.74 -19.41 2.78
N ASN A 172 12.22 -18.86 3.88
CA ASN A 172 10.77 -18.77 3.96
C ASN A 172 10.34 -17.53 3.17
N GLY A 173 9.07 -17.16 3.21
CA GLY A 173 8.78 -16.11 2.22
C GLY A 173 9.32 -14.70 2.51
N THR A 174 10.06 -14.52 3.60
CA THR A 174 10.17 -13.22 4.25
C THR A 174 11.49 -12.52 3.91
N HIS A 175 11.59 -11.25 4.32
CA HIS A 175 12.65 -10.38 3.85
C HIS A 175 13.32 -9.62 4.98
N THR A 176 14.57 -9.24 4.75
CA THR A 176 15.24 -8.43 5.72
C THR A 176 16.32 -7.60 5.06
N GLY A 177 16.85 -6.68 5.84
CA GLY A 177 17.76 -5.67 5.37
C GLY A 177 18.35 -4.98 6.58
N SER A 178 18.96 -3.82 6.33
CA SER A 178 19.72 -3.16 7.37
C SER A 178 19.17 -1.78 7.67
N ALA A 179 19.38 -1.36 8.91
CA ALA A 179 19.20 0.04 9.26
C ALA A 179 20.36 0.84 8.68
N PHE A 180 20.24 2.18 8.76
CA PHE A 180 21.23 3.02 8.10
C PHE A 180 22.48 3.24 8.94
N ASP A 181 22.50 2.73 10.17
CA ASP A 181 23.78 2.51 10.82
C ASP A 181 24.50 1.28 10.26
N GLY A 182 23.87 0.53 9.36
CA GLY A 182 24.50 -0.60 8.73
C GLY A 182 24.33 -1.92 9.42
N THR A 183 23.53 -1.98 10.48
CA THR A 183 23.30 -3.23 11.21
C THR A 183 22.07 -3.96 10.67
N MET A 184 22.27 -5.22 10.30
CA MET A 184 21.18 -6.00 9.75
C MET A 184 20.15 -6.29 10.82
N TYR A 185 18.87 -6.11 10.49
CA TYR A 185 17.81 -6.51 11.41
C TYR A 185 17.86 -8.01 11.65
N GLY A 186 17.69 -8.41 12.91
CA GLY A 186 17.65 -9.83 13.23
C GLY A 186 18.98 -10.52 13.14
N ALA A 187 20.07 -9.73 13.07
CA ALA A 187 21.44 -10.23 12.95
C ALA A 187 21.61 -11.21 11.80
N PHE A 188 20.82 -11.08 10.74
CA PHE A 188 21.07 -11.90 9.56
C PHE A 188 22.36 -11.44 8.88
N MET A 189 22.85 -12.27 7.96
CA MET A 189 24.10 -12.01 7.27
C MET A 189 23.84 -11.74 5.79
N ASP A 190 24.54 -10.73 5.25
CA ASP A 190 24.44 -10.40 3.82
C ASP A 190 25.43 -11.25 3.04
N LYS A 191 25.08 -12.53 2.92
CA LYS A 191 25.85 -13.49 2.14
C LYS A 191 24.89 -14.55 1.62
N GLN A 192 25.34 -15.26 0.59
CA GLN A 192 24.47 -16.19 -0.14
C GLN A 192 24.46 -17.56 0.54
N VAL A 193 23.77 -17.61 1.69
CA VAL A 193 23.69 -18.82 2.49
C VAL A 193 22.29 -18.95 3.06
N HIS A 194 21.85 -20.20 3.18
CA HIS A 194 20.61 -20.51 3.87
C HIS A 194 20.65 -20.06 5.32
N GLN A 195 19.65 -19.30 5.73
CA GLN A 195 19.60 -18.76 7.09
C GLN A 195 18.20 -18.95 7.66
N VAL A 196 18.12 -19.45 8.89
CA VAL A 196 16.86 -19.78 9.55
C VAL A 196 16.52 -18.66 10.53
N GLN A 197 15.39 -18.03 10.33
CA GLN A 197 14.90 -16.98 11.21
C GLN A 197 14.39 -17.59 12.52
N LEU A 198 14.31 -16.76 13.56
CA LEU A 198 13.69 -17.20 14.80
C LEU A 198 12.20 -17.40 14.61
N THR A 199 11.58 -18.10 15.56
CA THR A 199 10.14 -18.28 15.49
C THR A 199 9.45 -16.94 15.74
N ASP A 200 8.47 -16.62 14.91
CA ASP A 200 7.81 -15.32 14.97
C ASP A 200 6.85 -15.27 16.16
N LYS A 201 6.40 -14.05 16.49
CA LYS A 201 5.44 -13.82 17.55
C LYS A 201 4.31 -12.92 17.05
N TYR A 202 3.19 -12.95 17.77
CA TYR A 202 2.15 -11.94 17.61
C TYR A 202 2.61 -10.63 18.25
N CYS A 203 2.43 -9.53 17.52
CA CYS A 203 2.67 -8.18 18.07
C CYS A 203 1.46 -7.80 18.91
N SER A 204 1.61 -7.92 20.23
CA SER A 204 0.48 -7.75 21.14
C SER A 204 -0.19 -6.39 20.99
N VAL A 205 0.61 -5.33 20.88
CA VAL A 205 0.00 -4.00 20.91
C VAL A 205 -0.82 -3.76 19.65
N ASN A 206 -0.48 -4.42 18.54
CA ASN A 206 -1.25 -4.35 17.32
C ASN A 206 -2.52 -5.23 17.38
N VAL A 207 -2.44 -6.41 18.02
CA VAL A 207 -3.65 -7.17 18.31
C VAL A 207 -4.62 -6.32 19.14
N VAL A 208 -4.12 -5.61 20.16
CA VAL A 208 -4.97 -4.70 20.94
C VAL A 208 -5.59 -3.64 20.03
N ALA A 209 -4.76 -2.99 19.20
CA ALA A 209 -5.29 -1.99 18.28
C ALA A 209 -6.43 -2.56 17.43
N TRP A 210 -6.25 -3.78 16.93
CA TRP A 210 -7.24 -4.40 16.08
C TRP A 210 -8.53 -4.68 16.83
N LEU A 211 -8.44 -5.14 18.08
CA LEU A 211 -9.64 -5.35 18.89
C LEU A 211 -10.37 -4.04 19.14
N TYR A 212 -9.63 -2.96 19.37
CA TYR A 212 -10.25 -1.65 19.48
C TYR A 212 -10.94 -1.25 18.18
N ALA A 213 -10.34 -1.60 17.04
CA ALA A 213 -11.00 -1.28 15.77
C ALA A 213 -12.30 -2.04 15.63
N ALA A 214 -12.34 -3.29 16.11
CA ALA A 214 -13.58 -4.06 16.08
C ALA A 214 -14.66 -3.40 16.94
N ILE A 215 -14.31 -3.06 18.19
CA ILE A 215 -15.26 -2.36 19.05
C ILE A 215 -15.77 -1.09 18.39
N LEU A 216 -14.86 -0.32 17.76
CA LEU A 216 -15.24 0.89 17.05
C LEU A 216 -16.19 0.61 15.91
N ASN A 217 -16.15 -0.61 15.36
CA ASN A 217 -17.03 -1.03 14.27
C ASN A 217 -18.26 -1.77 14.78
N GLY A 218 -18.47 -1.85 16.09
CA GLY A 218 -19.64 -2.51 16.63
C GLY A 218 -19.46 -4.00 16.88
N CYS A 219 -18.25 -4.48 16.95
CA CYS A 219 -17.96 -5.86 17.24
C CYS A 219 -17.25 -5.89 18.57
N ALA A 220 -18.02 -6.16 19.59
CA ALA A 220 -17.54 -6.21 20.95
C ALA A 220 -17.89 -7.42 21.79
N TRP A 221 -18.29 -8.50 21.18
CA TRP A 221 -18.68 -9.71 21.88
C TRP A 221 -17.61 -10.32 22.76
N PHE A 222 -16.37 -10.05 22.48
CA PHE A 222 -15.27 -10.60 23.26
C PHE A 222 -14.91 -9.76 24.48
N VAL A 223 -15.55 -8.61 24.67
CA VAL A 223 -15.26 -7.76 25.82
C VAL A 223 -15.98 -8.33 27.03
N LYS A 224 -15.23 -8.62 28.08
CA LYS A 224 -15.78 -9.12 29.33
C LYS A 224 -15.30 -8.23 30.47
N PRO A 225 -15.86 -8.34 31.68
CA PRO A 225 -15.34 -7.52 32.78
C PRO A 225 -13.95 -7.93 33.24
N ASN A 226 -13.55 -9.17 32.96
CA ASN A 226 -12.26 -9.68 33.41
C ASN A 226 -11.10 -8.85 32.87
N ARG A 227 -10.04 -8.76 33.67
CA ARG A 227 -8.89 -7.95 33.31
C ARG A 227 -7.61 -8.73 33.58
N THR A 228 -6.62 -8.48 32.73
CA THR A 228 -5.26 -8.97 32.93
C THR A 228 -4.33 -7.76 32.91
N SER A 229 -3.58 -7.57 34.00
CA SER A 229 -2.67 -6.44 34.09
C SER A 229 -1.55 -6.57 33.06
N VAL A 230 -0.98 -5.43 32.68
CA VAL A 230 0.12 -5.45 31.71
C VAL A 230 1.26 -6.34 32.20
N VAL A 231 1.62 -6.23 33.48
CA VAL A 231 2.68 -7.08 34.02
C VAL A 231 2.30 -8.56 33.89
N SER A 232 1.08 -8.91 34.31
CA SER A 232 0.64 -10.30 34.18
C SER A 232 0.65 -10.74 32.72
N PHE A 233 0.09 -9.90 31.83
CA PHE A 233 0.10 -10.24 30.41
C PHE A 233 1.52 -10.50 29.93
N ASN A 234 2.44 -9.59 30.22
CA ASN A 234 3.80 -9.67 29.67
C ASN A 234 4.54 -10.91 30.15
N GLU A 235 4.24 -11.37 31.37
CA GLU A 235 4.82 -12.62 31.83
C GLU A 235 4.21 -13.81 31.10
N TRP A 236 2.88 -13.82 30.95
CA TRP A 236 2.22 -14.83 30.14
C TRP A 236 2.70 -14.82 28.69
N ALA A 237 2.99 -13.67 28.16
CA ALA A 237 3.42 -13.53 26.80
C ALA A 237 4.72 -14.24 26.51
N LEU A 238 5.59 -14.33 27.48
CA LEU A 238 6.87 -14.95 27.32
C LEU A 238 6.77 -16.39 26.92
N ALA A 239 5.80 -17.07 27.44
CA ALA A 239 5.59 -18.46 27.19
C ALA A 239 4.65 -18.77 26.08
N ASN A 240 4.08 -17.76 25.48
CA ASN A 240 3.10 -17.98 24.45
C ASN A 240 3.26 -17.28 23.08
N GLN A 241 4.46 -16.93 22.73
CA GLN A 241 4.74 -16.30 21.48
C GLN A 241 4.02 -14.98 21.14
N PHE A 242 3.96 -14.11 22.14
CA PHE A 242 3.42 -12.80 22.04
C PHE A 242 4.53 -11.83 22.49
N THR A 243 4.60 -10.67 21.87
CA THR A 243 5.58 -9.69 22.31
C THR A 243 5.11 -9.01 23.58
N GLU A 244 6.07 -8.44 24.29
CA GLU A 244 5.75 -7.63 25.46
C GLU A 244 4.86 -6.47 25.05
N PHE A 245 3.84 -6.18 25.86
CA PHE A 245 2.94 -5.07 25.57
C PHE A 245 3.50 -3.82 26.21
N VAL A 246 3.58 -2.75 25.42
CA VAL A 246 4.07 -1.44 25.88
C VAL A 246 3.01 -0.41 25.51
N GLY A 247 2.41 0.22 26.52
CA GLY A 247 1.37 1.20 26.24
C GLY A 247 1.93 2.47 25.65
N THR A 248 1.09 3.16 24.88
CA THR A 248 1.44 4.41 24.23
C THR A 248 0.25 5.34 24.29
N GLN A 249 0.47 6.58 23.84
CA GLN A 249 -0.60 7.57 23.76
C GLN A 249 -1.70 7.12 22.81
N SER A 250 -1.31 6.49 21.70
CA SER A 250 -2.30 6.09 20.70
C SER A 250 -3.26 5.03 21.25
N VAL A 251 -2.72 4.03 21.95
CA VAL A 251 -3.59 3.03 22.58
C VAL A 251 -4.52 3.68 23.60
N ASP A 252 -3.98 4.55 24.45
CA ASP A 252 -4.80 5.21 25.45
C ASP A 252 -5.97 5.96 24.82
N MET A 253 -5.72 6.66 23.72
CA MET A 253 -6.79 7.35 23.01
C MET A 253 -7.89 6.37 22.57
N LEU A 254 -7.52 5.17 22.12
CA LEU A 254 -8.53 4.16 21.80
C LEU A 254 -9.24 3.66 23.06
N ALA A 255 -8.50 3.50 24.16
CA ALA A 255 -9.13 3.13 25.43
C ALA A 255 -10.17 4.17 25.85
N VAL A 256 -9.78 5.45 25.81
CA VAL A 256 -10.71 6.51 26.20
C VAL A 256 -11.88 6.58 25.22
N LYS A 257 -11.61 6.36 23.92
CA LYS A 257 -12.66 6.55 22.93
C LYS A 257 -13.75 5.50 23.06
N THR A 258 -13.36 4.24 23.28
CA THR A 258 -14.28 3.12 23.38
C THR A 258 -14.80 2.88 24.80
N GLY A 259 -14.11 3.38 25.82
CA GLY A 259 -14.47 3.05 27.18
C GLY A 259 -14.03 1.66 27.62
N VAL A 260 -13.27 0.96 26.79
CA VAL A 260 -12.77 -0.37 27.11
C VAL A 260 -11.31 -0.23 27.52
N ALA A 261 -10.98 -0.71 28.71
CA ALA A 261 -9.61 -0.63 29.21
C ALA A 261 -8.70 -1.60 28.48
N ILE A 262 -7.43 -1.22 28.39
CA ILE A 262 -6.41 -2.10 27.83
C ILE A 262 -6.44 -3.46 28.51
N GLU A 263 -6.57 -3.47 29.84
CA GLU A 263 -6.48 -4.72 30.58
C GLU A 263 -7.61 -5.70 30.23
N GLN A 264 -8.77 -5.18 29.83
CA GLN A 264 -9.85 -6.07 29.39
C GLN A 264 -9.50 -6.78 28.08
N LEU A 265 -8.78 -6.09 27.18
CA LEU A 265 -8.39 -6.69 25.91
C LEU A 265 -7.19 -7.62 26.07
N LEU A 266 -6.26 -7.30 26.97
CA LEU A 266 -5.20 -8.26 27.26
C LEU A 266 -5.80 -9.56 27.78
N TYR A 267 -6.80 -9.47 28.66
CA TYR A 267 -7.54 -10.67 29.04
C TYR A 267 -8.21 -11.33 27.83
N ALA A 268 -8.82 -10.53 26.95
CA ALA A 268 -9.48 -11.10 25.78
C ALA A 268 -8.48 -11.88 24.93
N ILE A 269 -7.29 -11.33 24.71
CA ILE A 269 -6.30 -11.99 23.86
C ILE A 269 -5.94 -13.37 24.41
N GLN A 270 -5.77 -13.46 25.73
CA GLN A 270 -5.45 -14.75 26.34
C GLN A 270 -6.57 -15.77 26.13
N GLN A 271 -7.82 -15.32 26.06
CA GLN A 271 -8.92 -16.26 25.80
C GLN A 271 -9.04 -16.62 24.32
N LEU A 272 -8.89 -15.64 23.43
CA LEU A 272 -9.09 -15.86 22.01
C LEU A 272 -7.92 -16.58 21.35
N TYR A 273 -6.74 -16.48 21.95
CA TYR A 273 -5.55 -17.15 21.41
C TYR A 273 -5.77 -18.64 21.23
N THR A 274 -6.60 -19.25 22.08
CA THR A 274 -6.92 -20.68 21.97
C THR A 274 -7.85 -20.98 20.80
N GLY A 275 -8.39 -19.96 20.14
CA GLY A 275 -9.40 -20.14 19.12
C GLY A 275 -10.63 -19.32 19.43
N PHE A 276 -11.36 -18.95 18.39
CA PHE A 276 -12.56 -18.13 18.51
C PHE A 276 -13.82 -18.95 18.75
N GLN A 277 -13.69 -20.28 18.82
CA GLN A 277 -14.79 -21.20 19.14
C GLN A 277 -16.00 -20.98 18.21
N GLY A 278 -15.72 -20.81 16.91
CA GLY A 278 -16.74 -20.66 15.91
C GLY A 278 -17.06 -19.24 15.51
N LYS A 279 -16.59 -18.24 16.25
CA LYS A 279 -16.93 -16.86 16.01
C LYS A 279 -15.85 -16.17 15.19
N GLN A 280 -16.17 -14.96 14.73
CA GLN A 280 -15.28 -14.13 13.93
C GLN A 280 -15.12 -12.76 14.57
N ILE A 281 -14.01 -12.12 14.26
CA ILE A 281 -13.80 -10.72 14.63
C ILE A 281 -13.35 -9.96 13.38
N LEU A 282 -14.15 -8.97 12.98
CA LEU A 282 -13.92 -8.24 11.72
C LEU A 282 -13.69 -9.21 10.57
N GLY A 283 -14.63 -10.14 10.42
CA GLY A 283 -14.53 -11.14 9.37
C GLY A 283 -13.33 -12.04 9.45
N SER A 284 -12.62 -12.08 10.57
CA SER A 284 -11.45 -12.92 10.71
C SER A 284 -11.65 -13.95 11.82
N THR A 285 -11.01 -15.10 11.62
CA THR A 285 -10.99 -16.23 12.54
C THR A 285 -9.70 -16.28 13.35
N MET A 286 -8.79 -15.35 13.12
CA MET A 286 -7.48 -15.32 13.76
C MET A 286 -7.18 -13.90 14.21
N LEU A 287 -6.26 -13.79 15.18
CA LEU A 287 -5.82 -12.47 15.62
C LEU A 287 -5.01 -11.76 14.53
N GLU A 288 -5.27 -10.48 14.36
CA GLU A 288 -4.61 -9.64 13.36
C GLU A 288 -3.64 -8.71 14.07
N ASP A 289 -2.36 -8.75 13.68
CA ASP A 289 -1.37 -7.88 14.30
C ASP A 289 -0.66 -6.98 13.27
N GLU A 290 -1.21 -6.86 12.06
CA GLU A 290 -0.59 -6.04 11.01
C GLU A 290 -1.05 -4.59 11.01
N PHE A 291 -1.94 -4.18 11.91
CA PHE A 291 -2.35 -2.79 12.00
C PHE A 291 -1.95 -2.23 13.35
N THR A 292 -1.45 -0.99 13.37
CA THR A 292 -0.96 -0.35 14.58
C THR A 292 -2.04 0.48 15.25
N PRO A 293 -1.83 0.85 16.52
CA PRO A 293 -2.72 1.84 17.14
C PRO A 293 -2.80 3.13 16.35
N GLU A 294 -1.70 3.60 15.75
CA GLU A 294 -1.73 4.81 14.94
C GLU A 294 -2.64 4.63 13.73
N ASP A 295 -2.51 3.49 13.03
CA ASP A 295 -3.42 3.13 11.94
C ASP A 295 -4.88 3.30 12.35
N VAL A 296 -5.28 2.59 13.41
CA VAL A 296 -6.67 2.63 13.87
C VAL A 296 -7.06 4.05 14.23
N ASN A 297 -6.20 4.74 14.97
CA ASN A 297 -6.43 6.14 15.30
C ASN A 297 -6.68 6.96 14.05
N MET A 298 -5.76 6.90 13.10
CA MET A 298 -5.81 7.79 11.94
C MET A 298 -6.96 7.43 11.01
N GLN A 299 -7.05 6.16 10.62
CA GLN A 299 -8.05 5.65 9.68
C GLN A 299 -9.45 5.68 10.16
N ILE A 300 -9.63 5.55 11.45
CA ILE A 300 -10.93 5.67 12.04
C ILE A 300 -10.75 6.81 13.04
N MET A 301 -10.69 8.03 12.55
CA MET A 301 -10.48 9.17 13.40
C MET A 301 -11.77 9.55 14.06
N SER B 1 3.83 -15.41 1.59
CA SER B 1 3.15 -15.42 0.30
C SER B 1 3.90 -14.58 -0.72
N GLY B 2 4.63 -13.57 -0.25
CA GLY B 2 5.27 -12.65 -1.15
C GLY B 2 4.32 -11.70 -1.85
N LEU B 3 3.08 -11.58 -1.37
CA LEU B 3 2.09 -10.68 -1.94
C LEU B 3 1.80 -9.56 -0.96
N VAL B 4 1.91 -8.33 -1.43
CA VAL B 4 1.49 -7.17 -0.64
C VAL B 4 0.51 -6.38 -1.47
N LYS B 5 -0.13 -5.41 -0.83
CA LYS B 5 -0.93 -4.43 -1.54
C LYS B 5 0.01 -3.40 -2.16
N MET B 6 0.31 -3.56 -3.44
CA MET B 6 1.34 -2.80 -4.12
C MET B 6 0.71 -1.63 -4.88
N SER B 7 1.03 -0.40 -4.47
CA SER B 7 0.61 0.78 -5.22
C SER B 7 1.73 1.27 -6.13
N HIS B 8 1.35 2.02 -7.16
CA HIS B 8 2.37 2.73 -7.92
C HIS B 8 2.98 3.82 -7.05
N PRO B 9 4.25 4.16 -7.25
CA PRO B 9 4.82 5.32 -6.56
C PRO B 9 3.99 6.55 -6.90
N SER B 10 3.67 7.35 -5.88
CA SER B 10 2.68 8.41 -6.05
C SER B 10 3.25 9.75 -6.52
N GLY B 11 4.57 9.85 -6.71
CA GLY B 11 5.19 11.15 -6.95
C GLY B 11 4.57 11.88 -8.14
N ASP B 12 4.28 11.15 -9.22
CA ASP B 12 3.68 11.76 -10.40
C ASP B 12 2.37 12.44 -10.06
N VAL B 13 1.51 11.76 -9.30
CA VAL B 13 0.19 12.31 -9.01
C VAL B 13 0.24 13.37 -7.91
N GLU B 14 1.12 13.20 -6.92
CA GLU B 14 1.30 14.24 -5.89
C GLU B 14 1.48 15.61 -6.51
N ALA B 15 2.33 15.72 -7.54
CA ALA B 15 2.62 17.01 -8.14
C ALA B 15 1.43 17.63 -8.89
N CYS B 16 0.28 16.96 -8.90
CA CYS B 16 -0.91 17.44 -9.59
C CYS B 16 -2.06 17.78 -8.65
N MET B 17 -1.93 17.47 -7.36
CA MET B 17 -3.04 17.73 -6.44
C MET B 17 -3.06 19.19 -6.04
N VAL B 18 -4.27 19.76 -5.97
CA VAL B 18 -4.48 21.15 -5.56
C VAL B 18 -5.67 21.17 -4.62
N GLN B 19 -5.87 22.32 -3.97
CA GLN B 19 -7.06 22.55 -3.16
C GLN B 19 -8.01 23.48 -3.90
N VAL B 20 -9.27 23.07 -4.03
CA VAL B 20 -10.30 23.85 -4.70
C VAL B 20 -11.31 24.33 -3.66
N THR B 21 -11.53 25.64 -3.59
CA THR B 21 -12.54 26.18 -2.71
C THR B 21 -13.56 26.97 -3.52
N CYS B 22 -14.82 26.79 -3.15
CA CYS B 22 -15.93 27.53 -3.74
C CYS B 22 -16.81 27.97 -2.56
N GLY B 23 -17.02 29.28 -2.44
CA GLY B 23 -17.61 29.80 -1.21
C GLY B 23 -16.88 29.25 0.00
N SER B 24 -17.63 28.73 0.96
CA SER B 24 -17.04 28.15 2.16
C SER B 24 -16.85 26.62 2.07
N MET B 25 -16.97 26.03 0.89
CA MET B 25 -16.75 24.60 0.71
C MET B 25 -15.41 24.37 0.02
N THR B 26 -14.69 23.36 0.46
CA THR B 26 -13.40 23.00 -0.05
C THR B 26 -13.19 21.49 -0.17
N LEU B 27 -12.36 21.07 -1.09
CA LEU B 27 -12.00 19.70 -1.37
C LEU B 27 -10.77 19.67 -2.30
N ASN B 28 -10.35 18.51 -2.72
CA ASN B 28 -9.22 18.36 -3.56
C ASN B 28 -9.54 18.43 -5.06
N GLY B 29 -8.57 18.84 -5.86
CA GLY B 29 -8.72 18.86 -7.30
C GLY B 29 -7.46 18.30 -7.95
N LEU B 30 -7.58 18.02 -9.24
CA LEU B 30 -6.46 17.46 -10.01
C LEU B 30 -6.08 18.43 -11.12
N TRP B 31 -4.82 18.91 -11.09
CA TRP B 31 -4.31 19.92 -12.02
C TRP B 31 -3.47 19.24 -13.09
N LEU B 32 -3.97 19.23 -14.33
CA LEU B 32 -3.26 18.66 -15.46
C LEU B 32 -3.27 19.67 -16.60
N ASP B 33 -2.10 20.05 -17.09
CA ASP B 33 -1.99 21.11 -18.12
C ASP B 33 -2.81 22.30 -17.61
N ASN B 34 -3.72 22.87 -18.42
CA ASN B 34 -4.44 24.08 -18.03
C ASN B 34 -5.81 23.76 -17.42
N THR B 35 -6.00 22.55 -16.92
CA THR B 35 -7.30 22.10 -16.43
C THR B 35 -7.15 21.65 -14.99
N VAL B 36 -8.17 21.96 -14.19
CA VAL B 36 -8.29 21.45 -12.83
C VAL B 36 -9.63 20.75 -12.75
N TRP B 37 -9.61 19.47 -12.36
CA TRP B 37 -10.80 18.66 -12.20
C TRP B 37 -11.13 18.56 -10.72
N CYS B 38 -12.41 18.70 -10.36
CA CYS B 38 -12.80 18.43 -8.99
C CYS B 38 -14.28 18.05 -8.94
N PRO B 39 -14.74 17.41 -7.87
CA PRO B 39 -16.17 17.09 -7.78
C PRO B 39 -17.03 18.34 -7.78
N ARG B 40 -18.16 18.27 -8.46
CA ARG B 40 -19.02 19.44 -8.62
C ARG B 40 -19.77 19.80 -7.34
N HIS B 41 -19.87 18.88 -6.39
CA HIS B 41 -20.62 19.26 -5.20
C HIS B 41 -19.86 20.27 -4.34
N VAL B 42 -18.64 20.66 -4.72
CA VAL B 42 -18.00 21.80 -4.07
C VAL B 42 -18.80 23.08 -4.29
N MET B 43 -19.63 23.13 -5.34
CA MET B 43 -20.49 24.25 -5.65
C MET B 43 -21.74 24.32 -4.78
N CYS B 44 -22.07 23.28 -4.04
CA CYS B 44 -23.42 23.24 -3.50
C CYS B 44 -23.45 23.74 -2.07
N PRO B 45 -24.37 24.64 -1.73
CA PRO B 45 -24.50 25.07 -0.33
C PRO B 45 -24.97 23.92 0.55
N ALA B 46 -24.47 23.90 1.78
CA ALA B 46 -24.78 22.80 2.68
C ALA B 46 -26.28 22.62 2.86
N ASP B 47 -27.03 23.73 2.86
CA ASP B 47 -28.48 23.65 2.98
C ASP B 47 -29.13 22.89 1.83
N GLN B 48 -28.45 22.79 0.69
CA GLN B 48 -29.03 22.20 -0.50
C GLN B 48 -28.34 20.91 -0.94
N LEU B 49 -27.46 20.35 -0.16
CA LEU B 49 -26.74 19.15 -0.55
C LEU B 49 -27.60 17.95 -0.83
N SER B 50 -28.66 17.80 -0.08
CA SER B 50 -29.57 16.69 -0.24
C SER B 50 -30.38 16.69 -1.53
N ASP B 51 -30.59 17.85 -2.11
CA ASP B 51 -31.33 18.00 -3.34
C ASP B 51 -30.78 19.09 -4.24
N PRO B 52 -29.54 18.85 -4.81
CA PRO B 52 -29.02 19.96 -5.63
C PRO B 52 -29.57 20.17 -7.02
N ASN B 53 -29.41 21.36 -7.55
CA ASN B 53 -29.79 21.67 -8.92
C ASN B 53 -28.50 22.16 -9.51
N TYR B 54 -27.68 21.21 -9.88
CA TYR B 54 -26.35 21.54 -10.34
C TYR B 54 -26.38 22.39 -11.61
N ASP B 55 -27.45 22.27 -12.40
CA ASP B 55 -27.61 23.16 -13.55
C ASP B 55 -27.77 24.60 -13.09
N ALA B 56 -28.71 24.84 -12.16
CA ALA B 56 -28.87 26.18 -11.62
C ALA B 56 -27.59 26.65 -10.96
N LEU B 57 -26.97 25.78 -10.16
CA LEU B 57 -25.73 26.12 -9.46
C LEU B 57 -24.67 26.61 -10.43
N LEU B 58 -24.49 25.91 -11.55
CA LEU B 58 -23.44 26.27 -12.49
C LEU B 58 -23.70 27.63 -13.13
N ILE B 59 -24.95 27.91 -13.50
CA ILE B 59 -25.30 29.23 -14.03
C ILE B 59 -24.86 30.32 -13.06
N SER B 60 -25.15 30.12 -11.78
CA SER B 60 -24.84 31.09 -10.74
C SER B 60 -23.35 31.38 -10.61
N MET B 61 -22.49 30.49 -11.09
CA MET B 61 -21.06 30.66 -10.87
C MET B 61 -20.46 31.65 -11.87
N THR B 62 -19.37 32.27 -11.44
CA THR B 62 -18.46 32.98 -12.32
C THR B 62 -17.09 32.35 -12.16
N ASN B 63 -16.17 32.69 -13.07
CA ASN B 63 -14.79 32.29 -12.89
C ASN B 63 -14.27 32.67 -11.51
N HIS B 64 -14.71 33.83 -10.99
CA HIS B 64 -14.27 34.33 -9.70
C HIS B 64 -14.85 33.52 -8.54
N SER B 65 -15.82 32.64 -8.77
CA SER B 65 -16.33 31.82 -7.68
C SER B 65 -15.34 30.75 -7.21
N PHE B 66 -14.33 30.43 -8.00
CA PHE B 66 -13.43 29.33 -7.68
C PHE B 66 -12.03 29.85 -7.37
N SER B 67 -11.45 29.31 -6.31
CA SER B 67 -10.08 29.62 -5.92
C SER B 67 -9.29 28.32 -5.85
N VAL B 68 -8.15 28.28 -6.53
CA VAL B 68 -7.35 27.06 -6.63
C VAL B 68 -5.94 27.35 -6.11
N GLN B 69 -5.46 26.49 -5.21
CA GLN B 69 -4.13 26.62 -4.65
C GLN B 69 -3.41 25.29 -4.63
N LYS B 70 -2.15 25.31 -4.99
CA LYS B 70 -1.22 24.20 -4.86
C LYS B 70 -0.29 24.50 -3.71
N HIS B 71 -0.30 23.63 -2.71
CA HIS B 71 0.46 23.86 -1.47
C HIS B 71 1.79 23.13 -1.45
N ILE B 72 1.86 21.99 -2.13
CA ILE B 72 3.01 21.09 -2.08
C ILE B 72 4.00 21.53 -3.15
N GLY B 73 5.27 21.15 -2.97
CA GLY B 73 6.28 21.48 -3.95
C GLY B 73 6.33 22.98 -4.19
N ALA B 74 6.43 23.36 -5.45
CA ALA B 74 6.37 24.78 -5.81
C ALA B 74 4.92 25.24 -5.72
N PRO B 75 4.60 26.26 -4.92
CA PRO B 75 3.19 26.66 -4.74
C PRO B 75 2.58 27.46 -5.89
N ALA B 76 1.42 28.09 -5.65
CA ALA B 76 0.39 28.28 -6.69
C ALA B 76 -0.16 29.69 -6.85
N ASN B 77 0.23 30.36 -7.93
CA ASN B 77 -0.51 31.54 -8.42
C ASN B 77 -1.47 31.07 -9.51
N LEU B 78 -2.65 30.60 -9.09
CA LEU B 78 -3.60 29.95 -10.02
C LEU B 78 -4.91 30.74 -10.11
N ARG B 79 -5.17 31.28 -11.31
CA ARG B 79 -6.39 32.04 -11.61
C ARG B 79 -7.29 31.23 -12.52
N VAL B 80 -8.54 31.04 -12.10
CA VAL B 80 -9.53 30.34 -12.94
C VAL B 80 -10.01 31.29 -14.04
N VAL B 81 -9.86 30.86 -15.29
CA VAL B 81 -10.29 31.65 -16.44
C VAL B 81 -11.39 30.96 -17.26
N GLY B 82 -11.85 29.79 -16.83
CA GLY B 82 -13.00 29.18 -17.44
C GLY B 82 -13.57 28.11 -16.52
N HIS B 83 -14.86 27.82 -16.64
CA HIS B 83 -15.44 26.74 -15.86
C HIS B 83 -16.49 26.03 -16.68
N ALA B 84 -16.69 24.76 -16.36
CA ALA B 84 -17.64 23.91 -17.09
C ALA B 84 -17.97 22.70 -16.23
N MET B 85 -19.06 22.04 -16.58
CA MET B 85 -19.52 20.85 -15.86
C MET B 85 -19.62 19.67 -16.82
N GLN B 86 -18.99 18.57 -16.45
CA GLN B 86 -19.01 17.33 -17.23
C GLN B 86 -19.46 16.21 -16.29
N GLY B 87 -20.72 15.80 -16.40
CA GLY B 87 -21.26 14.81 -15.47
C GLY B 87 -21.20 15.32 -14.04
N THR B 88 -20.61 14.52 -13.14
CA THR B 88 -20.51 14.88 -11.73
C THR B 88 -19.24 15.67 -11.41
N LEU B 89 -18.47 16.04 -12.42
CA LEU B 89 -17.21 16.75 -12.21
C LEU B 89 -17.28 18.16 -12.78
N LEU B 90 -16.51 19.06 -12.16
CA LEU B 90 -16.20 20.37 -12.73
C LEU B 90 -14.86 20.30 -13.45
N LYS B 91 -14.81 20.94 -14.61
CA LYS B 91 -13.61 21.16 -15.39
C LYS B 91 -13.30 22.66 -15.33
N LEU B 92 -12.29 23.04 -14.57
CA LEU B 92 -11.89 24.44 -14.47
C LEU B 92 -10.69 24.68 -15.37
N THR B 93 -10.69 25.79 -16.08
CA THR B 93 -9.53 26.19 -16.87
C THR B 93 -8.77 27.26 -16.09
N VAL B 94 -7.46 27.06 -15.97
CA VAL B 94 -6.59 27.95 -15.23
C VAL B 94 -5.52 28.46 -16.19
N ASP B 95 -4.87 29.55 -15.82
CA ASP B 95 -4.04 30.28 -16.77
C ASP B 95 -2.57 29.86 -16.74
N VAL B 96 -2.23 28.91 -15.88
CA VAL B 96 -0.90 28.31 -15.84
C VAL B 96 -1.06 26.82 -16.10
N ALA B 97 -0.29 26.29 -17.03
CA ALA B 97 -0.27 24.86 -17.27
C ALA B 97 0.61 24.21 -16.21
N ASN B 98 0.12 23.13 -15.61
CA ASN B 98 0.92 22.44 -14.61
C ASN B 98 2.25 21.97 -15.21
N PRO B 99 3.39 22.49 -14.73
CA PRO B 99 4.69 22.10 -15.31
C PRO B 99 5.10 20.68 -15.02
N SER B 100 4.39 19.97 -14.14
CA SER B 100 4.68 18.59 -13.77
C SER B 100 3.53 17.67 -14.17
N THR B 101 2.87 17.97 -15.29
CA THR B 101 1.79 17.11 -15.77
C THR B 101 2.40 15.82 -16.30
N PRO B 102 2.00 14.66 -15.80
CA PRO B 102 2.49 13.40 -16.38
C PRO B 102 1.79 13.07 -17.68
N ALA B 103 2.41 12.20 -18.47
CA ALA B 103 1.66 11.59 -19.56
C ALA B 103 0.46 10.87 -18.94
N TYR B 104 -0.73 11.12 -19.48
CA TYR B 104 -1.93 10.58 -18.82
C TYR B 104 -3.02 10.25 -19.83
N THR B 105 -3.93 9.36 -19.42
CA THR B 105 -5.18 9.09 -20.09
C THR B 105 -6.30 9.02 -19.05
N PHE B 106 -7.53 9.06 -19.54
CA PHE B 106 -8.71 8.75 -18.75
C PHE B 106 -9.29 7.43 -19.24
N THR B 107 -9.28 6.41 -18.38
CA THR B 107 -9.97 5.15 -18.68
C THR B 107 -10.78 4.70 -17.48
N THR B 108 -11.98 4.19 -17.76
CA THR B 108 -12.88 3.68 -16.73
C THR B 108 -12.39 2.32 -16.26
N VAL B 109 -12.35 2.11 -14.97
CA VAL B 109 -11.88 0.82 -14.46
C VAL B 109 -13.06 -0.14 -14.35
N LYS B 110 -12.78 -1.46 -14.51
CA LYS B 110 -13.79 -2.52 -14.49
C LYS B 110 -13.73 -3.31 -13.18
N PRO B 111 -14.86 -3.93 -12.76
CA PRO B 111 -14.85 -4.69 -11.51
C PRO B 111 -13.81 -5.80 -11.54
N GLY B 112 -13.08 -5.94 -10.44
CA GLY B 112 -11.99 -6.88 -10.33
C GLY B 112 -10.62 -6.26 -10.54
N ALA B 113 -10.53 -5.17 -11.31
CA ALA B 113 -9.25 -4.54 -11.60
C ALA B 113 -8.80 -3.68 -10.42
N ALA B 114 -7.48 -3.60 -10.24
CA ALA B 114 -6.88 -2.85 -9.13
C ALA B 114 -6.40 -1.49 -9.60
N PHE B 115 -6.37 -0.54 -8.66
CA PHE B 115 -5.79 0.75 -8.97
C PHE B 115 -5.26 1.37 -7.68
N SER B 116 -4.35 2.33 -7.85
CA SER B 116 -3.73 3.03 -6.76
C SER B 116 -4.53 4.29 -6.43
N VAL B 117 -4.70 4.55 -5.15
CA VAL B 117 -5.41 5.74 -4.69
C VAL B 117 -4.44 6.62 -3.91
N LEU B 118 -4.45 7.92 -4.19
CA LEU B 118 -3.69 8.89 -3.39
C LEU B 118 -4.70 9.68 -2.57
N ALA B 119 -4.76 9.38 -1.28
CA ALA B 119 -5.69 10.05 -0.39
C ALA B 119 -5.11 11.40 -0.02
N CYS B 120 -5.93 12.45 -0.15
CA CYS B 120 -5.49 13.82 0.11
C CYS B 120 -6.55 14.56 0.91
N TYR B 121 -6.09 15.55 1.66
CA TYR B 121 -6.95 16.44 2.43
C TYR B 121 -6.46 17.87 2.23
N ASN B 122 -7.38 18.76 1.86
CA ASN B 122 -7.07 20.18 1.65
C ASN B 122 -5.88 20.33 0.71
N GLY B 123 -5.85 19.53 -0.35
CA GLY B 123 -4.78 19.65 -1.32
C GLY B 123 -3.47 19.02 -0.93
N ARG B 124 -3.39 18.33 0.21
CA ARG B 124 -2.14 17.74 0.65
C ARG B 124 -2.24 16.22 0.60
N PRO B 125 -1.37 15.55 -0.14
CA PRO B 125 -1.35 14.07 -0.11
C PRO B 125 -1.00 13.55 1.27
N THR B 126 -1.77 12.58 1.74
CA THR B 126 -1.48 12.05 3.06
C THR B 126 -1.28 10.56 3.09
N GLY B 127 -1.79 9.80 2.13
CA GLY B 127 -1.57 8.38 2.16
C GLY B 127 -1.84 7.81 0.79
N THR B 128 -1.27 6.63 0.54
CA THR B 128 -1.56 5.90 -0.69
C THR B 128 -1.90 4.45 -0.34
N PHE B 129 -2.82 3.88 -1.10
CA PHE B 129 -3.20 2.50 -0.91
C PHE B 129 -3.71 2.01 -2.25
N THR B 130 -4.01 0.72 -2.32
CA THR B 130 -4.55 0.18 -3.56
C THR B 130 -5.83 -0.58 -3.25
N VAL B 131 -6.78 -0.52 -4.19
CA VAL B 131 -8.05 -1.20 -4.03
C VAL B 131 -8.38 -1.91 -5.33
N VAL B 132 -9.33 -2.82 -5.24
CA VAL B 132 -9.94 -3.45 -6.40
C VAL B 132 -11.37 -2.93 -6.51
N MET B 133 -11.80 -2.62 -7.72
CA MET B 133 -13.17 -2.18 -7.94
C MET B 133 -14.10 -3.36 -7.68
N ARG B 134 -15.04 -3.19 -6.74
CA ARG B 134 -15.91 -4.30 -6.39
C ARG B 134 -16.93 -4.52 -7.51
N PRO B 135 -17.45 -5.75 -7.63
CA PRO B 135 -18.52 -5.99 -8.62
C PRO B 135 -19.77 -5.12 -8.42
N ASN B 136 -20.00 -4.56 -7.22
CA ASN B 136 -21.09 -3.61 -7.05
C ASN B 136 -20.65 -2.14 -7.21
N TYR B 137 -19.47 -1.91 -7.79
CA TYR B 137 -18.97 -0.57 -8.15
C TYR B 137 -18.71 0.30 -6.92
N THR B 138 -18.23 -0.31 -5.86
CA THR B 138 -17.69 0.39 -4.72
C THR B 138 -16.26 -0.09 -4.50
N ILE B 139 -15.52 0.63 -3.67
CA ILE B 139 -14.20 0.21 -3.27
C ILE B 139 -14.16 0.22 -1.76
N LYS B 140 -13.31 -0.64 -1.19
CA LYS B 140 -13.11 -0.69 0.26
C LYS B 140 -11.88 0.14 0.56
N GLY B 141 -12.06 1.46 0.55
CA GLY B 141 -10.98 2.39 0.80
C GLY B 141 -10.96 2.84 2.26
N SER B 142 -10.12 3.84 2.51
CA SER B 142 -10.02 4.49 3.81
C SER B 142 -10.01 5.99 3.54
N PHE B 143 -11.14 6.63 3.82
CA PHE B 143 -11.41 8.01 3.43
C PHE B 143 -12.15 8.70 4.56
N LEU B 144 -11.79 9.95 4.84
CA LEU B 144 -12.50 10.74 5.82
C LEU B 144 -13.13 11.95 5.13
N CYS B 145 -13.86 12.75 5.92
CA CYS B 145 -14.37 14.01 5.39
C CYS B 145 -13.21 14.86 4.90
N GLY B 146 -13.35 15.43 3.71
CA GLY B 146 -12.30 16.19 3.09
C GLY B 146 -11.47 15.42 2.08
N SER B 147 -11.65 14.11 2.00
CA SER B 147 -10.96 13.30 1.01
C SER B 147 -11.55 13.45 -0.39
N CYS B 148 -12.71 14.10 -0.52
CA CYS B 148 -13.37 14.22 -1.82
C CYS B 148 -12.43 14.88 -2.83
N GLY B 149 -12.37 14.31 -4.03
CA GLY B 149 -11.44 14.75 -5.03
C GLY B 149 -10.12 14.01 -5.02
N SER B 150 -9.91 13.12 -4.04
CA SER B 150 -8.77 12.22 -4.09
C SER B 150 -8.88 11.34 -5.32
N VAL B 151 -7.75 10.88 -5.84
CA VAL B 151 -7.69 10.32 -7.18
C VAL B 151 -7.18 8.87 -7.15
N GLY B 152 -7.80 8.03 -7.99
CA GLY B 152 -7.33 6.67 -8.25
C GLY B 152 -6.79 6.55 -9.67
N TYR B 153 -5.73 5.75 -9.82
CA TYR B 153 -5.01 5.71 -11.09
C TYR B 153 -4.25 4.40 -11.19
N THR B 154 -3.86 4.09 -12.39
CA THR B 154 -2.98 3.02 -12.75
C THR B 154 -1.94 3.65 -13.67
N LYS B 155 -0.85 2.97 -13.91
CA LYS B 155 0.19 3.44 -14.77
C LYS B 155 0.67 2.31 -15.62
N GLU B 156 0.74 2.56 -16.91
CA GLU B 156 1.15 1.56 -17.85
C GLU B 156 2.60 1.70 -18.13
N GLY B 157 2.99 2.61 -18.97
CA GLY B 157 4.40 2.79 -19.24
C GLY B 157 4.80 4.00 -18.51
N SER B 158 4.85 5.09 -19.23
CA SER B 158 5.12 6.36 -18.65
C SER B 158 3.76 7.02 -18.52
N VAL B 159 2.71 6.32 -18.84
CA VAL B 159 1.39 6.94 -18.97
C VAL B 159 0.56 6.62 -17.72
N ILE B 160 0.10 7.67 -17.05
CA ILE B 160 -0.83 7.53 -15.92
C ILE B 160 -2.25 7.40 -16.46
N ASN B 161 -2.96 6.38 -16.02
CA ASN B 161 -4.37 6.30 -16.37
C ASN B 161 -5.19 6.69 -15.15
N PHE B 162 -5.82 7.86 -15.21
CA PHE B 162 -6.68 8.31 -14.12
C PHE B 162 -8.06 7.67 -14.30
N CYS B 163 -8.51 6.93 -13.28
CA CYS B 163 -9.75 6.19 -13.39
C CYS B 163 -10.78 6.50 -12.30
N TYR B 164 -10.44 7.28 -11.26
CA TYR B 164 -11.35 7.45 -10.15
C TYR B 164 -11.12 8.81 -9.51
N MET B 165 -12.17 9.50 -9.16
CA MET B 165 -12.15 10.72 -8.37
C MET B 165 -13.15 10.52 -7.24
N HIS B 166 -12.70 10.60 -6.03
CA HIS B 166 -13.50 10.29 -4.87
C HIS B 166 -14.62 11.19 -4.51
N GLN B 167 -15.75 10.59 -4.20
CA GLN B 167 -16.93 11.37 -3.87
C GLN B 167 -17.80 11.07 -2.63
N MET B 168 -17.91 9.81 -2.30
CA MET B 168 -18.80 9.40 -1.27
C MET B 168 -18.44 8.15 -0.47
N GLU B 169 -18.84 8.14 0.79
CA GLU B 169 -18.80 6.94 1.62
C GLU B 169 -20.22 6.48 1.87
N LEU B 170 -20.56 5.28 1.43
CA LEU B 170 -21.91 4.76 1.62
C LEU B 170 -22.12 4.36 3.09
N ALA B 171 -23.35 3.94 3.40
CA ALA B 171 -23.69 3.59 4.77
C ALA B 171 -22.92 2.37 5.28
N ASN B 172 -22.50 1.45 4.40
CA ASN B 172 -21.52 0.47 4.86
C ASN B 172 -20.14 1.13 4.89
N GLY B 173 -19.08 0.38 5.13
CA GLY B 173 -17.81 1.11 5.20
C GLY B 173 -17.29 1.65 3.87
N THR B 174 -18.10 1.53 2.84
CA THR B 174 -17.68 1.41 1.45
C THR B 174 -17.80 2.72 0.65
N HIS B 175 -16.98 2.84 -0.42
CA HIS B 175 -16.72 4.14 -1.05
C HIS B 175 -16.98 4.12 -2.55
N THR B 176 -17.33 5.28 -3.12
CA THR B 176 -17.49 5.36 -4.56
C THR B 176 -17.20 6.76 -5.07
N GLY B 177 -17.13 6.87 -6.38
CA GLY B 177 -16.73 8.09 -7.05
C GLY B 177 -17.05 8.02 -8.52
N SER B 178 -16.33 8.82 -9.31
CA SER B 178 -16.61 8.89 -10.75
C SER B 178 -15.34 8.71 -11.57
N ALA B 179 -15.54 8.29 -12.82
CA ALA B 179 -14.48 8.32 -13.81
C ALA B 179 -14.32 9.75 -14.34
N PHE B 180 -13.23 10.01 -15.02
CA PHE B 180 -12.98 11.38 -15.46
C PHE B 180 -13.77 11.77 -16.70
N ASP B 181 -14.60 10.89 -17.22
CA ASP B 181 -15.64 11.32 -18.14
C ASP B 181 -16.82 11.96 -17.41
N GLY B 182 -16.86 11.88 -16.09
CA GLY B 182 -17.92 12.48 -15.31
C GLY B 182 -18.99 11.52 -14.83
N THR B 183 -18.94 10.24 -15.19
CA THR B 183 -19.96 9.30 -14.77
C THR B 183 -19.59 8.64 -13.45
N MET B 184 -20.51 8.70 -12.48
CA MET B 184 -20.33 8.00 -11.21
C MET B 184 -20.34 6.49 -11.41
N TYR B 185 -19.40 5.81 -10.76
CA TYR B 185 -19.42 4.35 -10.75
C TYR B 185 -20.70 3.83 -10.09
N GLY B 186 -21.32 2.85 -10.72
CA GLY B 186 -22.53 2.26 -10.17
C GLY B 186 -23.78 3.10 -10.26
N ALA B 187 -23.74 4.22 -10.99
CA ALA B 187 -24.88 5.12 -11.11
C ALA B 187 -25.38 5.61 -9.75
N PHE B 188 -24.47 5.65 -8.76
CA PHE B 188 -24.76 6.42 -7.57
C PHE B 188 -24.90 7.89 -7.93
N MET B 189 -25.47 8.66 -7.00
CA MET B 189 -25.70 10.09 -7.19
C MET B 189 -24.86 10.88 -6.19
N ASP B 190 -24.25 11.96 -6.66
CA ASP B 190 -23.44 12.82 -5.80
C ASP B 190 -24.35 13.82 -5.08
N LYS B 191 -25.15 13.29 -4.17
CA LYS B 191 -26.01 14.12 -3.36
C LYS B 191 -26.11 13.51 -1.98
N GLN B 192 -26.49 14.35 -1.01
CA GLN B 192 -26.43 13.99 0.40
C GLN B 192 -27.71 13.22 0.77
N VAL B 193 -27.82 12.01 0.22
CA VAL B 193 -28.93 11.10 0.53
C VAL B 193 -28.40 9.69 0.69
N HIS B 194 -29.13 8.90 1.48
CA HIS B 194 -28.78 7.51 1.72
C HIS B 194 -28.99 6.70 0.43
N GLN B 195 -28.05 5.80 0.16
CA GLN B 195 -28.07 5.01 -1.06
C GLN B 195 -27.55 3.61 -0.76
N VAL B 196 -28.26 2.60 -1.26
CA VAL B 196 -27.93 1.20 -0.99
C VAL B 196 -27.25 0.61 -2.21
N GLN B 197 -26.05 0.06 -2.00
CA GLN B 197 -25.32 -0.58 -3.07
C GLN B 197 -25.95 -1.94 -3.43
N LEU B 198 -25.73 -2.38 -4.67
CA LEU B 198 -26.08 -3.74 -5.04
C LEU B 198 -25.21 -4.73 -4.24
N THR B 199 -25.62 -5.99 -4.22
CA THR B 199 -24.87 -6.96 -3.45
C THR B 199 -23.52 -7.21 -4.11
N ASP B 200 -22.50 -7.35 -3.27
CA ASP B 200 -21.13 -7.57 -3.72
C ASP B 200 -20.91 -9.04 -4.02
N LYS B 201 -19.83 -9.33 -4.76
CA LYS B 201 -19.54 -10.68 -5.20
C LYS B 201 -18.04 -10.93 -5.11
N TYR B 202 -17.69 -12.21 -4.99
CA TYR B 202 -16.29 -12.61 -5.16
C TYR B 202 -15.89 -12.41 -6.62
N CYS B 203 -14.68 -11.88 -6.83
CA CYS B 203 -14.11 -11.75 -8.16
C CYS B 203 -13.40 -13.06 -8.51
N SER B 204 -14.12 -13.93 -9.23
CA SER B 204 -13.66 -15.29 -9.55
C SER B 204 -12.25 -15.31 -10.11
N VAL B 205 -11.97 -14.45 -11.09
CA VAL B 205 -10.64 -14.49 -11.72
C VAL B 205 -9.54 -14.08 -10.74
N ASN B 206 -9.83 -13.19 -9.79
CA ASN B 206 -8.82 -12.85 -8.80
C ASN B 206 -8.64 -13.97 -7.79
N VAL B 207 -9.71 -14.68 -7.43
CA VAL B 207 -9.56 -15.85 -6.57
C VAL B 207 -8.68 -16.90 -7.25
N VAL B 208 -8.88 -17.07 -8.56
CA VAL B 208 -8.04 -18.03 -9.29
C VAL B 208 -6.58 -17.63 -9.22
N ALA B 209 -6.28 -16.33 -9.45
CA ALA B 209 -4.90 -15.86 -9.39
C ALA B 209 -4.28 -16.14 -8.02
N TRP B 210 -5.05 -15.90 -6.97
CA TRP B 210 -4.54 -16.11 -5.61
C TRP B 210 -4.21 -17.57 -5.36
N LEU B 211 -5.10 -18.48 -5.77
CA LEU B 211 -4.79 -19.91 -5.67
C LEU B 211 -3.53 -20.28 -6.48
N TYR B 212 -3.36 -19.67 -7.65
CA TYR B 212 -2.10 -19.86 -8.38
C TYR B 212 -0.91 -19.35 -7.58
N ALA B 213 -1.07 -18.20 -6.90
CA ALA B 213 0.01 -17.72 -6.05
C ALA B 213 0.32 -18.71 -4.93
N ALA B 214 -0.73 -19.35 -4.40
CA ALA B 214 -0.53 -20.41 -3.42
C ALA B 214 0.29 -21.56 -4.00
N ILE B 215 -0.08 -22.03 -5.19
CA ILE B 215 0.66 -23.11 -5.83
C ILE B 215 2.11 -22.71 -6.05
N LEU B 216 2.34 -21.45 -6.46
CA LEU B 216 3.70 -21.00 -6.69
C LEU B 216 4.52 -20.96 -5.40
N ASN B 217 3.86 -20.90 -4.24
CA ASN B 217 4.56 -20.88 -2.96
C ASN B 217 4.60 -22.24 -2.29
N GLY B 218 4.24 -23.31 -3.02
CA GLY B 218 4.23 -24.64 -2.46
C GLY B 218 3.01 -24.98 -1.64
N CYS B 219 1.96 -24.17 -1.71
CA CYS B 219 0.71 -24.41 -0.99
C CYS B 219 -0.30 -24.94 -2.00
N ALA B 220 -0.40 -26.26 -2.10
CA ALA B 220 -1.25 -26.83 -3.13
C ALA B 220 -2.09 -27.99 -2.61
N TRP B 221 -2.32 -28.06 -1.29
CA TRP B 221 -3.09 -29.17 -0.74
C TRP B 221 -4.50 -29.23 -1.34
N PHE B 222 -5.03 -28.08 -1.79
CA PHE B 222 -6.39 -27.98 -2.31
C PHE B 222 -6.53 -28.41 -3.77
N VAL B 223 -5.43 -28.64 -4.47
CA VAL B 223 -5.50 -29.08 -5.86
C VAL B 223 -5.82 -30.57 -5.92
N LYS B 224 -6.88 -30.90 -6.64
CA LYS B 224 -7.31 -32.25 -6.95
C LYS B 224 -7.35 -32.45 -8.46
N PRO B 225 -7.41 -33.69 -8.92
CA PRO B 225 -7.57 -33.90 -10.37
C PRO B 225 -8.90 -33.37 -10.88
N ASN B 226 -9.94 -33.33 -10.04
CA ASN B 226 -11.27 -32.92 -10.46
C ASN B 226 -11.26 -31.54 -11.12
N ARG B 227 -12.18 -31.35 -12.07
CA ARG B 227 -12.25 -30.12 -12.84
C ARG B 227 -13.69 -29.66 -12.93
N THR B 228 -13.86 -28.35 -13.08
CA THR B 228 -15.14 -27.76 -13.44
C THR B 228 -14.92 -26.87 -14.65
N SER B 229 -15.72 -27.06 -15.69
CA SER B 229 -15.60 -26.25 -16.89
C SER B 229 -15.92 -24.79 -16.58
N VAL B 230 -15.49 -23.89 -17.48
CA VAL B 230 -15.79 -22.47 -17.29
C VAL B 230 -17.30 -22.24 -17.37
N VAL B 231 -17.96 -22.91 -18.32
CA VAL B 231 -19.41 -22.75 -18.50
C VAL B 231 -20.18 -23.26 -17.27
N SER B 232 -19.83 -24.45 -16.79
CA SER B 232 -20.47 -24.95 -15.58
C SER B 232 -20.14 -24.08 -14.37
N PHE B 233 -18.87 -23.66 -14.23
CA PHE B 233 -18.52 -22.77 -13.13
C PHE B 233 -19.31 -21.46 -13.20
N ASN B 234 -19.43 -20.87 -14.38
CA ASN B 234 -20.12 -19.59 -14.46
C ASN B 234 -21.60 -19.72 -14.14
N GLU B 235 -22.20 -20.88 -14.45
CA GLU B 235 -23.58 -21.11 -14.05
C GLU B 235 -23.67 -21.26 -12.53
N TRP B 236 -22.70 -21.97 -11.93
CA TRP B 236 -22.62 -22.05 -10.48
C TRP B 236 -22.41 -20.69 -9.85
N ALA B 237 -21.68 -19.80 -10.54
CA ALA B 237 -21.27 -18.54 -9.93
C ALA B 237 -22.45 -17.59 -9.75
N LEU B 238 -23.40 -17.62 -10.71
CA LEU B 238 -24.60 -16.80 -10.60
C LEU B 238 -25.45 -17.20 -9.41
N ALA B 239 -25.38 -18.46 -9.01
CA ALA B 239 -26.14 -18.98 -7.87
C ALA B 239 -25.41 -18.81 -6.55
N ASN B 240 -24.14 -18.33 -6.56
CA ASN B 240 -23.36 -18.34 -5.34
C ASN B 240 -22.55 -17.08 -5.07
N GLN B 241 -22.95 -15.93 -5.61
CA GLN B 241 -22.31 -14.65 -5.30
C GLN B 241 -20.87 -14.59 -5.80
N PHE B 242 -20.60 -15.18 -6.97
CA PHE B 242 -19.33 -15.11 -7.65
C PHE B 242 -19.52 -14.47 -9.02
N THR B 243 -18.53 -13.69 -9.45
CA THR B 243 -18.53 -13.11 -10.77
C THR B 243 -18.26 -14.17 -11.83
N GLU B 244 -18.69 -13.86 -13.05
CA GLU B 244 -18.35 -14.65 -14.22
C GLU B 244 -16.84 -14.73 -14.36
N PHE B 245 -16.32 -15.95 -14.50
CA PHE B 245 -14.90 -16.09 -14.82
C PHE B 245 -14.65 -15.78 -16.29
N VAL B 246 -13.70 -14.88 -16.53
CA VAL B 246 -13.24 -14.55 -17.88
C VAL B 246 -11.73 -14.75 -17.89
N GLY B 247 -11.27 -15.76 -18.61
CA GLY B 247 -9.84 -16.03 -18.67
C GLY B 247 -9.11 -14.98 -19.48
N THR B 248 -7.82 -14.84 -19.20
CA THR B 248 -6.98 -13.88 -19.89
C THR B 248 -5.61 -14.49 -20.06
N GLN B 249 -4.77 -13.79 -20.83
CA GLN B 249 -3.41 -14.25 -21.03
C GLN B 249 -2.63 -14.30 -19.72
N SER B 250 -2.94 -13.38 -18.79
CA SER B 250 -2.23 -13.39 -17.51
C SER B 250 -2.53 -14.66 -16.74
N VAL B 251 -3.79 -15.11 -16.73
CA VAL B 251 -4.13 -16.36 -16.06
C VAL B 251 -3.47 -17.54 -16.77
N ASP B 252 -3.39 -17.47 -18.10
CA ASP B 252 -2.82 -18.58 -18.86
C ASP B 252 -1.35 -18.80 -18.51
N MET B 253 -0.60 -17.72 -18.32
CA MET B 253 0.80 -17.84 -17.93
C MET B 253 0.93 -18.55 -16.59
N LEU B 254 0.01 -18.27 -15.68
CA LEU B 254 0.02 -18.97 -14.40
C LEU B 254 -0.23 -20.45 -14.60
N ALA B 255 -1.24 -20.80 -15.41
CA ALA B 255 -1.57 -22.20 -15.66
C ALA B 255 -0.42 -22.95 -16.29
N VAL B 256 0.25 -22.34 -17.27
CA VAL B 256 1.38 -23.01 -17.91
C VAL B 256 2.52 -23.21 -16.91
N LYS B 257 2.86 -22.17 -16.15
CA LYS B 257 3.99 -22.24 -15.23
C LYS B 257 3.79 -23.33 -14.17
N THR B 258 2.60 -23.37 -13.56
CA THR B 258 2.33 -24.35 -12.51
C THR B 258 1.97 -25.73 -13.07
N GLY B 259 1.43 -25.79 -14.28
CA GLY B 259 0.91 -27.04 -14.77
C GLY B 259 -0.41 -27.44 -14.16
N VAL B 260 -1.05 -26.55 -13.42
CA VAL B 260 -2.40 -26.76 -12.91
C VAL B 260 -3.37 -25.99 -13.80
N ALA B 261 -4.42 -26.67 -14.27
CA ALA B 261 -5.38 -26.04 -15.17
C ALA B 261 -6.36 -25.16 -14.42
N ILE B 262 -6.77 -24.07 -15.09
CA ILE B 262 -7.82 -23.18 -14.59
C ILE B 262 -9.00 -23.99 -14.05
N GLU B 263 -9.49 -24.97 -14.85
CA GLU B 263 -10.64 -25.78 -14.46
C GLU B 263 -10.41 -26.59 -13.20
N GLN B 264 -9.15 -26.93 -12.88
CA GLN B 264 -8.90 -27.54 -11.57
C GLN B 264 -9.13 -26.53 -10.46
N LEU B 265 -8.78 -25.27 -10.71
CA LEU B 265 -8.96 -24.25 -9.69
C LEU B 265 -10.41 -23.80 -9.60
N LEU B 266 -11.17 -23.87 -10.69
CA LEU B 266 -12.60 -23.62 -10.63
C LEU B 266 -13.31 -24.67 -9.77
N TYR B 267 -12.89 -25.94 -9.88
CA TYR B 267 -13.42 -26.95 -8.97
C TYR B 267 -12.97 -26.69 -7.53
N ALA B 268 -11.70 -26.32 -7.35
CA ALA B 268 -11.21 -26.06 -6.00
C ALA B 268 -12.01 -24.95 -5.32
N ILE B 269 -12.33 -23.89 -6.07
CA ILE B 269 -13.09 -22.76 -5.52
C ILE B 269 -14.45 -23.22 -5.01
N GLN B 270 -15.17 -24.01 -5.83
CA GLN B 270 -16.48 -24.50 -5.42
C GLN B 270 -16.43 -25.28 -4.11
N GLN B 271 -15.33 -26.01 -3.87
CA GLN B 271 -15.17 -26.75 -2.62
C GLN B 271 -14.73 -25.85 -1.47
N LEU B 272 -13.78 -24.96 -1.73
CA LEU B 272 -13.23 -24.13 -0.67
C LEU B 272 -14.25 -23.11 -0.17
N TYR B 273 -15.15 -22.66 -1.05
CA TYR B 273 -16.23 -21.78 -0.64
C TYR B 273 -17.08 -22.40 0.47
N THR B 274 -17.42 -23.69 0.35
CA THR B 274 -18.22 -24.33 1.40
C THR B 274 -17.42 -24.54 2.68
N GLY B 275 -16.09 -24.65 2.59
CA GLY B 275 -15.26 -24.74 3.78
C GLY B 275 -13.81 -25.10 3.51
N PHE B 276 -12.89 -24.50 4.26
CA PHE B 276 -11.47 -24.80 4.17
C PHE B 276 -11.05 -26.07 4.93
N GLN B 277 -12.01 -26.78 5.52
CA GLN B 277 -11.76 -28.08 6.16
C GLN B 277 -10.64 -27.98 7.20
N GLY B 278 -10.69 -26.93 8.03
CA GLY B 278 -9.70 -26.74 9.06
C GLY B 278 -8.27 -26.49 8.60
N LYS B 279 -8.08 -26.14 7.33
CA LYS B 279 -6.75 -25.84 6.80
C LYS B 279 -6.71 -24.37 6.38
N GLN B 280 -5.51 -23.89 6.04
CA GLN B 280 -5.40 -22.54 5.52
C GLN B 280 -4.56 -22.52 4.24
N ILE B 281 -4.70 -21.41 3.51
CA ILE B 281 -4.00 -21.18 2.26
C ILE B 281 -3.35 -19.81 2.35
N LEU B 282 -2.03 -19.77 2.25
CA LEU B 282 -1.29 -18.51 2.36
C LEU B 282 -1.72 -17.73 3.61
N GLY B 283 -1.93 -18.46 4.71
CA GLY B 283 -2.28 -17.81 5.97
C GLY B 283 -3.71 -17.34 6.09
N SER B 284 -4.61 -17.82 5.23
CA SER B 284 -6.00 -17.38 5.26
C SER B 284 -6.92 -18.58 5.33
N THR B 285 -8.04 -18.43 6.03
CA THR B 285 -9.04 -19.47 6.12
C THR B 285 -10.22 -19.23 5.22
N MET B 286 -10.12 -18.25 4.32
CA MET B 286 -11.21 -17.86 3.44
C MET B 286 -10.62 -17.39 2.11
N LEU B 287 -11.41 -17.48 1.06
CA LEU B 287 -10.94 -17.10 -0.27
C LEU B 287 -10.58 -15.62 -0.31
N GLU B 288 -9.53 -15.29 -1.06
CA GLU B 288 -9.04 -13.94 -1.22
C GLU B 288 -9.17 -13.52 -2.69
N ASP B 289 -9.83 -12.38 -2.94
CA ASP B 289 -10.11 -11.93 -4.30
C ASP B 289 -9.58 -10.52 -4.58
N GLU B 290 -8.68 -10.01 -3.73
CA GLU B 290 -8.17 -8.66 -3.87
C GLU B 290 -6.81 -8.63 -4.55
N PHE B 291 -6.36 -9.74 -5.14
CA PHE B 291 -5.13 -9.80 -5.92
C PHE B 291 -5.44 -10.23 -7.33
N THR B 292 -4.98 -9.42 -8.35
CA THR B 292 -5.30 -9.74 -9.74
C THR B 292 -4.28 -10.73 -10.33
N PRO B 293 -4.64 -11.40 -11.43
CA PRO B 293 -3.63 -12.20 -12.15
C PRO B 293 -2.37 -11.39 -12.47
N GLU B 294 -2.55 -10.14 -12.90
CA GLU B 294 -1.40 -9.28 -13.18
C GLU B 294 -0.57 -9.05 -11.92
N ASP B 295 -1.24 -8.85 -10.77
CA ASP B 295 -0.56 -8.78 -9.47
C ASP B 295 0.36 -9.98 -9.27
N VAL B 296 -0.20 -11.19 -9.40
CA VAL B 296 0.57 -12.40 -9.13
C VAL B 296 1.67 -12.56 -10.15
N ASN B 297 1.38 -12.29 -11.41
CA ASN B 297 2.42 -12.34 -12.44
C ASN B 297 3.54 -11.34 -12.17
N MET B 298 3.20 -10.15 -11.66
CA MET B 298 4.24 -9.16 -11.43
C MET B 298 5.01 -9.47 -10.16
N GLN B 299 4.30 -9.72 -9.04
CA GLN B 299 4.97 -9.81 -7.75
C GLN B 299 5.67 -11.15 -7.52
N ILE B 300 5.09 -12.24 -8.03
CA ILE B 300 5.72 -13.55 -7.91
C ILE B 300 6.52 -13.88 -9.16
N MET B 301 5.98 -13.52 -10.33
CA MET B 301 6.58 -13.79 -11.64
C MET B 301 6.76 -15.28 -11.82
#